data_6J5S
#
_entry.id   6J5S
#
_cell.length_a   78.664
_cell.length_b   46.475
_cell.length_c   64.107
_cell.angle_alpha   90.000
_cell.angle_beta   94.110
_cell.angle_gamma   90.000
#
_symmetry.space_group_name_H-M   'C 1 2 1'
#
loop_
_entity.id
_entity.type
_entity.pdbx_description
1 polymer 'Histidine triad nucleotide-binding protein 1'
2 non-polymer "BIS(ADENOSINE)-5'-PENTAPHOSPHATE"
3 non-polymer 'ETHANESULFONIC ACID'
4 water water
#
_entity_poly.entity_id   1
_entity_poly.type   'polypeptide(L)'
_entity_poly.pdbx_seq_one_letter_code
;SLMADEIAKAQVARPGGDTIFGKIIRKEIPAKIIFEDDRCLAFHDISPQAPTHFLVIPKKHISQISVAEDDDESLLGHLM
IVGKKCAADLGLNKGYRMVVNEGSDGGQSVYHVHLAVLGGRQMHWPPG
;
_entity_poly.pdbx_strand_id   A,B
#
loop_
_chem_comp.id
_chem_comp.type
_chem_comp.name
_chem_comp.formula
AP5 non-polymer BIS(ADENOSINE)-5'-PENTAPHOSPHATE 'C20 H29 N10 O22 P5'
ESA non-polymer 'ETHANESULFONIC ACID' 'C2 H6 O3 S'
#
# COMPACT_ATOMS: atom_id res chain seq x y z
N GLY A 16 -15.84 -11.42 13.24
CA GLY A 16 -15.20 -10.77 12.11
C GLY A 16 -14.38 -11.70 11.20
N GLY A 17 -15.00 -12.78 10.76
CA GLY A 17 -14.33 -13.65 9.81
C GLY A 17 -13.69 -14.90 10.40
N ASP A 18 -13.62 -15.87 9.51
CA ASP A 18 -13.11 -17.19 9.82
C ASP A 18 -11.68 -17.34 9.29
N THR A 19 -10.80 -16.42 9.64
CA THR A 19 -9.39 -16.63 9.48
C THR A 19 -8.71 -16.42 10.82
N ILE A 20 -7.41 -16.73 10.83
CA ILE A 20 -6.63 -16.50 12.03
C ILE A 20 -6.62 -15.01 12.42
N PHE A 21 -6.72 -14.11 11.45
CA PHE A 21 -6.78 -12.69 11.80
C PHE A 21 -8.09 -12.31 12.48
N GLY A 22 -9.19 -12.95 12.09
CA GLY A 22 -10.43 -12.80 12.82
C GLY A 22 -10.29 -13.23 14.27
N LYS A 23 -9.59 -14.35 14.49
CA LYS A 23 -9.36 -14.85 15.85
C LYS A 23 -8.51 -13.86 16.66
N ILE A 24 -7.52 -13.25 16.03
CA ILE A 24 -6.70 -12.25 16.69
C ILE A 24 -7.53 -11.02 17.06
N ILE A 25 -8.39 -10.55 16.16
CA ILE A 25 -9.25 -9.41 16.45
C ILE A 25 -10.18 -9.71 17.64
N ARG A 26 -10.71 -10.93 17.69
CA ARG A 26 -11.63 -11.34 18.76
C ARG A 26 -10.93 -11.67 20.07
N LYS A 27 -9.58 -11.62 20.07
CA LYS A 27 -8.72 -11.85 21.24
C LYS A 27 -8.73 -13.32 21.63
N GLU A 28 -9.12 -14.19 20.71
CA GLU A 28 -9.15 -15.63 20.94
C GLU A 28 -7.78 -16.26 20.92
N ILE A 29 -6.85 -15.69 20.16
N ILE A 29 -6.86 -15.68 20.15
CA ILE A 29 -5.49 -16.13 20.27
CA ILE A 29 -5.49 -16.15 20.16
C ILE A 29 -4.65 -14.89 20.35
C ILE A 29 -4.56 -14.94 20.17
N PRO A 30 -3.46 -15.04 20.92
CA PRO A 30 -2.66 -13.88 21.20
C PRO A 30 -1.83 -13.37 20.02
N ALA A 31 -1.53 -12.07 20.11
CA ALA A 31 -0.62 -11.39 19.20
C ALA A 31 -0.07 -10.23 19.99
N LYS A 32 1.08 -9.72 19.54
N LYS A 32 1.11 -9.74 19.62
CA LYS A 32 1.72 -8.58 20.19
CA LYS A 32 1.67 -8.56 20.29
C LYS A 32 1.11 -7.29 19.62
C LYS A 32 1.08 -7.33 19.63
N ILE A 33 0.08 -6.77 20.29
CA ILE A 33 -0.69 -5.66 19.78
C ILE A 33 0.05 -4.35 19.99
N ILE A 34 0.08 -3.54 18.93
CA ILE A 34 0.76 -2.25 18.94
C ILE A 34 -0.23 -1.10 19.08
N PHE A 35 -1.39 -1.23 18.43
CA PHE A 35 -2.40 -0.19 18.41
C PHE A 35 -3.75 -0.81 18.12
N GLU A 36 -4.80 -0.22 18.67
CA GLU A 36 -6.15 -0.66 18.38
C GLU A 36 -7.04 0.57 18.39
N ASP A 37 -8.07 0.57 17.55
CA ASP A 37 -9.17 1.50 17.71
C ASP A 37 -10.47 0.78 17.43
N ASP A 38 -11.54 1.51 17.12
CA ASP A 38 -12.84 0.90 16.88
C ASP A 38 -12.94 0.15 15.55
N ARG A 39 -11.97 0.34 14.66
CA ARG A 39 -12.11 -0.14 13.30
C ARG A 39 -10.88 -0.84 12.74
N CYS A 40 -9.79 -0.91 13.50
CA CYS A 40 -8.59 -1.60 13.01
C CYS A 40 -7.74 -2.05 14.19
N LEU A 41 -6.76 -2.89 13.86
CA LEU A 41 -5.84 -3.47 14.83
C LEU A 41 -4.46 -3.56 14.18
N ALA A 42 -3.41 -3.17 14.91
CA ALA A 42 -2.03 -3.30 14.45
C ALA A 42 -1.27 -4.20 15.40
N PHE A 43 -0.50 -5.14 14.88
CA PHE A 43 0.18 -6.13 15.68
C PHE A 43 1.43 -6.63 14.97
N HIS A 44 2.40 -7.09 15.72
CA HIS A 44 3.63 -7.61 15.15
C HIS A 44 3.38 -8.92 14.40
N ASP A 45 4.00 -9.08 13.24
CA ASP A 45 3.79 -10.32 12.52
CA ASP A 45 3.86 -10.29 12.46
C ASP A 45 4.53 -11.47 13.17
N ILE A 46 3.91 -12.64 13.14
CA ILE A 46 4.51 -13.82 13.74
C ILE A 46 5.74 -14.31 13.00
N SER A 47 5.89 -13.97 11.72
CA SER A 47 6.99 -14.39 10.88
C SER A 47 7.70 -13.16 10.32
N PRO A 48 8.42 -12.43 11.18
CA PRO A 48 8.95 -11.15 10.72
C PRO A 48 10.06 -11.32 9.69
N GLN A 49 10.04 -10.44 8.71
CA GLN A 49 11.00 -10.45 7.61
C GLN A 49 11.93 -9.25 7.66
N ALA A 50 11.86 -8.48 8.74
CA ALA A 50 12.70 -7.32 8.97
C ALA A 50 12.73 -7.12 10.48
N PRO A 51 13.67 -6.30 10.98
CA PRO A 51 13.73 -6.11 12.44
C PRO A 51 12.42 -5.57 13.03
N THR A 52 11.70 -4.75 12.27
CA THR A 52 10.33 -4.39 12.58
C THR A 52 9.45 -4.84 11.42
N HIS A 53 8.43 -5.61 11.74
CA HIS A 53 7.49 -6.08 10.75
C HIS A 53 6.16 -6.27 11.45
N PHE A 54 5.21 -5.41 11.11
CA PHE A 54 3.89 -5.45 11.72
C PHE A 54 2.82 -5.36 10.65
N LEU A 55 1.58 -5.66 11.05
N LEU A 55 1.58 -5.64 11.06
CA LEU A 55 0.41 -5.63 10.19
CA LEU A 55 0.43 -5.57 10.18
C LEU A 55 -0.59 -4.65 10.76
C LEU A 55 -0.55 -4.58 10.75
N VAL A 56 -1.34 -4.00 9.86
CA VAL A 56 -2.52 -3.22 10.23
C VAL A 56 -3.69 -3.83 9.45
N ILE A 57 -4.75 -4.23 10.17
CA ILE A 57 -5.86 -4.92 9.55
C ILE A 57 -7.16 -4.22 9.96
N PRO A 58 -8.14 -4.18 9.04
CA PRO A 58 -9.46 -3.69 9.42
C PRO A 58 -10.17 -4.74 10.28
N LYS A 59 -11.04 -4.29 11.17
CA LYS A 59 -11.91 -5.20 11.90
C LYS A 59 -12.98 -5.78 10.97
N LYS A 60 -13.44 -4.99 10.00
CA LYS A 60 -14.35 -5.48 8.98
C LYS A 60 -13.64 -6.56 8.17
N HIS A 61 -14.31 -7.69 7.95
N HIS A 61 -14.32 -7.69 7.97
CA HIS A 61 -13.68 -8.76 7.19
CA HIS A 61 -13.77 -8.75 7.16
C HIS A 61 -13.79 -8.57 5.69
C HIS A 61 -13.91 -8.40 5.68
N ILE A 62 -12.86 -7.82 5.14
CA ILE A 62 -12.69 -7.65 3.70
C ILE A 62 -11.66 -8.73 3.34
N SER A 63 -12.02 -9.68 2.47
CA SER A 63 -11.15 -10.84 2.26
C SER A 63 -9.88 -10.53 1.48
N GLN A 64 -9.96 -9.58 0.57
CA GLN A 64 -8.82 -9.21 -0.25
CA GLN A 64 -8.92 -9.32 -0.44
C GLN A 64 -9.12 -7.87 -0.89
N ILE A 65 -8.06 -7.16 -1.21
CA ILE A 65 -8.21 -5.80 -1.69
C ILE A 65 -9.02 -5.75 -2.99
N SER A 66 -8.93 -6.81 -3.80
CA SER A 66 -9.64 -6.83 -5.08
C SER A 66 -11.16 -6.73 -4.89
N VAL A 67 -11.70 -7.08 -3.72
CA VAL A 67 -13.14 -6.99 -3.50
C VAL A 67 -13.52 -5.83 -2.58
N ALA A 68 -12.59 -4.96 -2.24
CA ALA A 68 -12.91 -3.79 -1.44
C ALA A 68 -13.92 -2.92 -2.18
N GLU A 69 -14.86 -2.39 -1.39
CA GLU A 69 -15.95 -1.55 -1.86
C GLU A 69 -15.54 -0.09 -1.85
N ASP A 70 -16.15 0.71 -2.72
CA ASP A 70 -15.85 2.13 -2.76
C ASP A 70 -16.09 2.78 -1.40
N ASP A 71 -17.13 2.31 -0.71
CA ASP A 71 -17.46 2.82 0.61
C ASP A 71 -16.36 2.58 1.64
N ASP A 72 -15.43 1.65 1.36
CA ASP A 72 -14.28 1.26 2.20
CA ASP A 72 -14.38 1.43 2.36
C ASP A 72 -13.09 2.18 2.00
N GLU A 73 -13.19 3.14 1.10
CA GLU A 73 -12.07 4.00 0.73
CA GLU A 73 -12.04 3.89 0.74
C GLU A 73 -11.37 4.60 1.95
N SER A 74 -12.13 5.28 2.79
CA SER A 74 -11.49 5.97 3.90
C SER A 74 -10.98 4.99 4.97
N LEU A 75 -11.62 3.82 5.13
CA LEU A 75 -11.10 2.77 6.02
C LEU A 75 -9.73 2.29 5.54
N LEU A 76 -9.57 2.06 4.25
CA LEU A 76 -8.27 1.66 3.73
C LEU A 76 -7.20 2.72 3.99
N GLY A 77 -7.55 3.99 3.77
CA GLY A 77 -6.63 5.07 4.07
C GLY A 77 -6.30 5.12 5.56
N HIS A 78 -7.28 4.82 6.40
CA HIS A 78 -7.08 4.77 7.83
C HIS A 78 -6.00 3.73 8.19
N LEU A 79 -6.02 2.59 7.52
CA LEU A 79 -4.99 1.58 7.76
C LEU A 79 -3.61 2.16 7.48
N MET A 80 -3.49 2.95 6.38
CA MET A 80 -2.21 3.52 6.03
CA MET A 80 -2.21 3.53 6.02
C MET A 80 -1.78 4.59 7.01
N ILE A 81 -2.72 5.43 7.49
CA ILE A 81 -2.36 6.45 8.49
C ILE A 81 -1.96 5.80 9.80
N VAL A 82 -2.69 4.75 10.24
CA VAL A 82 -2.29 4.01 11.43
C VAL A 82 -0.93 3.37 11.23
N GLY A 83 -0.67 2.81 10.05
CA GLY A 83 0.62 2.23 9.78
C GLY A 83 1.75 3.25 9.91
N LYS A 84 1.55 4.43 9.34
CA LYS A 84 2.50 5.52 9.42
CA LYS A 84 2.48 5.55 9.44
C LYS A 84 2.77 5.90 10.89
N LYS A 85 1.71 6.04 11.68
CA LYS A 85 1.86 6.44 13.06
C LYS A 85 2.57 5.35 13.86
N CYS A 86 2.22 4.10 13.64
CA CYS A 86 2.89 3.02 14.35
C CYS A 86 4.36 2.94 13.97
N ALA A 87 4.68 3.15 12.71
CA ALA A 87 6.05 3.09 12.26
C ALA A 87 6.87 4.17 12.99
N ALA A 88 6.33 5.37 13.13
CA ALA A 88 7.03 6.43 13.85
C ALA A 88 7.20 6.06 15.33
N ASP A 89 6.14 5.49 15.91
CA ASP A 89 6.21 5.11 17.33
C ASP A 89 7.26 4.03 17.55
N LEU A 90 7.47 3.18 16.56
CA LEU A 90 8.44 2.08 16.62
C LEU A 90 9.83 2.51 16.14
N GLY A 91 10.02 3.79 15.92
CA GLY A 91 11.34 4.33 15.63
C GLY A 91 11.90 4.14 14.21
N LEU A 92 11.02 3.95 13.24
CA LEU A 92 11.44 3.72 11.85
C LEU A 92 11.72 5.04 11.11
N ASN A 93 12.67 5.82 11.66
CA ASN A 93 13.01 7.15 11.14
C ASN A 93 13.82 7.15 9.84
N LYS A 94 14.38 6.01 9.46
CA LYS A 94 15.13 5.90 8.22
C LYS A 94 14.27 5.40 7.08
N GLY A 95 13.01 5.04 7.36
CA GLY A 95 12.09 4.61 6.34
C GLY A 95 11.57 3.21 6.54
N TYR A 96 10.71 2.79 5.61
CA TYR A 96 10.02 1.53 5.71
C TYR A 96 9.28 1.26 4.42
N ARG A 97 8.73 0.06 4.30
CA ARG A 97 7.95 -0.34 3.12
C ARG A 97 6.61 -0.85 3.59
N MET A 98 5.54 -0.37 2.95
CA MET A 98 4.20 -0.86 3.19
C MET A 98 3.80 -1.77 2.02
N VAL A 99 3.16 -2.90 2.32
CA VAL A 99 2.84 -3.90 1.33
C VAL A 99 1.43 -4.42 1.53
N VAL A 100 0.67 -4.53 0.43
CA VAL A 100 -0.59 -5.26 0.41
C VAL A 100 -0.48 -6.33 -0.66
N ASN A 101 -0.67 -7.57 -0.26
CA ASN A 101 -0.64 -8.71 -1.18
C ASN A 101 -2.05 -9.10 -1.58
N GLU A 102 -2.22 -9.39 -2.88
CA GLU A 102 -3.49 -9.86 -3.44
C GLU A 102 -3.30 -11.17 -4.16
N GLY A 103 -4.05 -12.18 -3.73
CA GLY A 103 -4.14 -13.42 -4.48
C GLY A 103 -2.86 -14.22 -4.50
N SER A 104 -2.87 -15.24 -5.36
CA SER A 104 -1.75 -16.17 -5.36
CA SER A 104 -1.79 -16.21 -5.47
C SER A 104 -0.50 -15.54 -5.94
N ASP A 105 -0.58 -14.80 -7.04
CA ASP A 105 0.62 -14.16 -7.56
C ASP A 105 1.16 -13.12 -6.58
N GLY A 106 0.29 -12.48 -5.81
CA GLY A 106 0.74 -11.51 -4.83
C GLY A 106 1.30 -12.11 -3.57
N GLY A 107 1.16 -13.44 -3.41
CA GLY A 107 1.63 -14.09 -2.22
C GLY A 107 0.77 -13.84 -1.00
N GLN A 108 -0.53 -13.56 -1.19
CA GLN A 108 -1.41 -13.29 -0.06
C GLN A 108 -1.54 -14.55 0.80
N SER A 109 -1.18 -14.45 2.07
CA SER A 109 -1.11 -15.61 2.95
CA SER A 109 -1.12 -15.63 2.93
C SER A 109 -2.36 -15.86 3.78
N VAL A 110 -3.18 -14.82 3.99
CA VAL A 110 -4.40 -14.88 4.79
C VAL A 110 -5.43 -14.07 4.03
N TYR A 111 -6.64 -14.62 3.86
CA TYR A 111 -7.70 -13.92 3.14
CA TYR A 111 -7.72 -13.92 3.16
C TYR A 111 -8.51 -13.01 4.09
N HIS A 112 -7.78 -12.05 4.62
CA HIS A 112 -8.32 -10.95 5.42
C HIS A 112 -7.33 -9.82 5.06
N VAL A 113 -7.84 -8.72 4.47
CA VAL A 113 -6.96 -7.63 4.02
CA VAL A 113 -6.88 -7.75 3.98
C VAL A 113 -5.99 -7.23 5.11
N HIS A 114 -4.72 -7.06 4.77
CA HIS A 114 -3.71 -6.62 5.74
C HIS A 114 -2.66 -5.76 5.06
N LEU A 115 -2.30 -4.68 5.73
N LEU A 115 -2.25 -4.71 5.75
CA LEU A 115 -1.21 -3.80 5.31
CA LEU A 115 -1.21 -3.80 5.27
C LEU A 115 0.00 -4.20 6.15
C LEU A 115 0.03 -4.04 6.11
N ALA A 116 1.04 -4.68 5.51
CA ALA A 116 2.28 -5.01 6.22
C ALA A 116 3.18 -3.79 6.18
N VAL A 117 3.92 -3.56 7.26
CA VAL A 117 4.89 -2.48 7.36
C VAL A 117 6.21 -3.09 7.83
N LEU A 118 7.26 -2.93 7.03
CA LEU A 118 8.58 -3.52 7.28
C LEU A 118 9.63 -2.43 7.30
N GLY A 119 10.51 -2.49 8.29
CA GLY A 119 11.64 -1.58 8.35
C GLY A 119 12.68 -2.03 9.33
N GLY A 120 13.64 -1.14 9.59
CA GLY A 120 14.76 -1.44 10.47
C GLY A 120 15.91 -2.09 9.74
N ARG A 121 15.81 -2.21 8.42
CA ARG A 121 16.90 -2.63 7.55
C ARG A 121 16.64 -1.97 6.19
N GLN A 122 17.63 -1.96 5.33
CA GLN A 122 17.42 -1.60 3.95
C GLN A 122 16.48 -2.59 3.27
N MET A 123 15.41 -2.08 2.68
CA MET A 123 14.55 -2.88 1.82
C MET A 123 15.06 -2.79 0.39
N HIS A 124 14.95 -3.90 -0.33
CA HIS A 124 15.60 -4.05 -1.63
C HIS A 124 14.62 -4.01 -2.78
N TRP A 125 15.16 -3.94 -4.00
CA TRP A 125 14.34 -3.82 -5.19
C TRP A 125 14.83 -4.89 -6.16
N PRO A 126 13.93 -5.68 -6.76
CA PRO A 126 12.48 -5.59 -6.69
C PRO A 126 11.92 -6.02 -5.35
N PRO A 127 10.65 -5.68 -5.08
CA PRO A 127 10.03 -5.98 -3.78
C PRO A 127 9.40 -7.38 -3.79
N GLY A 128 10.24 -8.38 -3.99
CA GLY A 128 9.80 -9.74 -4.31
C GLY A 128 9.64 -9.99 -5.81
C ALA B 13 2.56 25.97 -6.91
N ARG B 14 3.05 24.96 -7.64
CA ARG B 14 2.33 24.44 -8.79
C ARG B 14 1.52 23.21 -8.41
N PRO B 15 0.32 23.08 -9.00
CA PRO B 15 -0.42 21.86 -8.70
C PRO B 15 0.37 20.63 -9.15
N GLY B 16 0.57 19.70 -8.21
CA GLY B 16 1.34 18.50 -8.48
C GLY B 16 2.77 18.52 -8.00
N GLY B 17 3.28 19.69 -7.65
CA GLY B 17 4.61 19.81 -7.08
C GLY B 17 5.74 19.78 -8.10
N ASP B 18 6.97 19.79 -7.56
CA ASP B 18 8.12 20.05 -8.43
C ASP B 18 8.82 18.79 -9.01
N THR B 19 8.50 17.64 -8.48
CA THR B 19 9.16 16.43 -8.91
C THR B 19 8.74 16.05 -10.32
N ILE B 20 9.38 15.02 -10.85
CA ILE B 20 8.98 14.49 -12.14
C ILE B 20 7.53 14.02 -12.14
N PHE B 21 7.02 13.59 -10.99
CA PHE B 21 5.62 13.19 -10.94
C PHE B 21 4.68 14.40 -11.09
N GLY B 22 5.06 15.54 -10.54
CA GLY B 22 4.33 16.77 -10.79
C GLY B 22 4.32 17.14 -12.26
N LYS B 23 5.46 16.98 -12.90
CA LYS B 23 5.54 17.25 -14.33
C LYS B 23 4.67 16.31 -15.14
N ILE B 24 4.61 15.05 -14.75
CA ILE B 24 3.73 14.09 -15.39
C ILE B 24 2.27 14.53 -15.20
N ILE B 25 1.89 14.92 -13.99
CA ILE B 25 0.52 15.37 -13.72
C ILE B 25 0.08 16.51 -14.65
N ARG B 26 1.00 17.45 -14.85
CA ARG B 26 0.73 18.63 -15.67
C ARG B 26 0.99 18.42 -17.16
N LYS B 27 1.25 17.17 -17.58
CA LYS B 27 1.44 16.83 -18.98
C LYS B 27 2.70 17.49 -19.59
N GLU B 28 3.66 17.83 -18.75
CA GLU B 28 4.89 18.48 -19.19
C GLU B 28 5.94 17.49 -19.63
N ILE B 29 5.86 16.28 -19.08
CA ILE B 29 6.64 15.20 -19.67
CA ILE B 29 6.70 15.13 -19.44
C ILE B 29 5.72 14.01 -19.82
N PRO B 30 5.98 13.22 -20.87
CA PRO B 30 5.03 12.18 -21.24
CA PRO B 30 5.03 12.18 -21.24
C PRO B 30 5.00 10.99 -20.29
N ALA B 31 3.85 10.34 -20.26
CA ALA B 31 3.67 9.12 -19.49
C ALA B 31 2.63 8.27 -20.17
N LYS B 32 2.61 6.99 -19.82
CA LYS B 32 1.66 6.02 -20.35
CA LYS B 32 1.65 6.03 -20.35
C LYS B 32 0.56 5.87 -19.31
N ILE B 33 -0.49 6.68 -19.47
CA ILE B 33 -1.52 6.82 -18.46
CA ILE B 33 -1.55 6.85 -18.49
C ILE B 33 -2.57 5.72 -18.59
N ILE B 34 -2.96 5.18 -17.46
CA ILE B 34 -3.97 4.13 -17.32
C ILE B 34 -5.31 4.70 -16.85
N PHE B 35 -5.26 5.62 -15.91
CA PHE B 35 -6.47 6.19 -15.29
C PHE B 35 -6.14 7.57 -14.76
N GLU B 36 -7.11 8.47 -14.83
CA GLU B 36 -6.96 9.80 -14.30
C GLU B 36 -8.28 10.31 -13.75
N ASP B 37 -8.25 10.89 -12.56
CA ASP B 37 -9.39 11.66 -12.06
C ASP B 37 -8.89 12.92 -11.38
N ASP B 38 -9.77 13.59 -10.67
CA ASP B 38 -9.41 14.86 -10.01
C ASP B 38 -8.44 14.67 -8.84
N ARG B 39 -8.35 13.46 -8.30
CA ARG B 39 -7.52 13.20 -7.14
CA ARG B 39 -7.56 13.17 -7.12
C ARG B 39 -6.24 12.45 -7.41
N CYS B 40 -6.16 11.71 -8.50
CA CYS B 40 -5.02 10.82 -8.70
C CYS B 40 -4.80 10.49 -10.16
N LEU B 41 -3.67 9.86 -10.40
CA LEU B 41 -3.21 9.48 -11.71
C LEU B 41 -2.52 8.11 -11.61
N ALA B 42 -2.83 7.22 -12.53
CA ALA B 42 -2.16 5.92 -12.62
C ALA B 42 -1.44 5.84 -13.96
N PHE B 43 -0.18 5.39 -13.95
CA PHE B 43 0.62 5.33 -15.16
C PHE B 43 1.67 4.24 -15.02
N HIS B 44 2.13 3.72 -16.16
CA HIS B 44 3.10 2.64 -16.14
C HIS B 44 4.48 3.09 -15.69
N ASP B 45 5.17 2.20 -14.98
CA ASP B 45 6.52 2.42 -14.55
C ASP B 45 7.49 2.25 -15.73
N ILE B 46 8.46 3.14 -15.86
N ILE B 46 8.48 3.13 -15.86
CA ILE B 46 9.40 3.00 -16.96
CA ILE B 46 9.43 3.00 -16.98
C ILE B 46 10.49 1.96 -16.72
C ILE B 46 10.60 2.05 -16.68
N SER B 47 10.63 1.49 -15.48
CA SER B 47 11.60 0.45 -15.15
CA SER B 47 11.60 0.45 -15.15
C SER B 47 10.84 -0.70 -14.47
N PRO B 48 10.02 -1.39 -15.25
CA PRO B 48 9.14 -2.38 -14.62
C PRO B 48 9.92 -3.53 -13.99
N GLN B 49 9.44 -3.95 -12.83
CA GLN B 49 10.00 -5.07 -12.09
C GLN B 49 9.13 -6.31 -12.13
N ALA B 50 8.06 -6.24 -12.91
CA ALA B 50 7.17 -7.35 -13.14
C ALA B 50 6.56 -7.12 -14.52
N PRO B 51 5.93 -8.14 -15.10
CA PRO B 51 5.36 -7.96 -16.42
C PRO B 51 4.35 -6.80 -16.53
N THR B 52 3.60 -6.55 -15.46
CA THR B 52 2.82 -5.34 -15.30
C THR B 52 3.33 -4.62 -14.05
N HIS B 53 3.63 -3.34 -14.17
CA HIS B 53 4.12 -2.56 -13.05
C HIS B 53 3.71 -1.12 -13.31
N PHE B 54 2.80 -0.60 -12.47
CA PHE B 54 2.32 0.75 -12.62
C PHE B 54 2.32 1.44 -11.27
N LEU B 55 2.13 2.75 -11.32
CA LEU B 55 2.12 3.64 -10.16
CA LEU B 55 2.11 3.62 -10.15
C LEU B 55 0.79 4.36 -10.09
N VAL B 56 0.33 4.61 -8.87
CA VAL B 56 -0.81 5.46 -8.59
C VAL B 56 -0.34 6.56 -7.67
N ILE B 57 -0.52 7.80 -8.09
CA ILE B 57 -0.04 8.95 -7.33
C ILE B 57 -1.18 9.92 -7.07
N PRO B 58 -1.13 10.63 -5.95
CA PRO B 58 -2.06 11.72 -5.74
C PRO B 58 -1.71 12.91 -6.61
N LYS B 59 -2.71 13.66 -7.05
CA LYS B 59 -2.43 14.93 -7.73
C LYS B 59 -1.95 16.00 -6.74
N LYS B 60 -2.41 15.95 -5.51
CA LYS B 60 -1.88 16.77 -4.44
C LYS B 60 -0.48 16.29 -4.10
N HIS B 61 0.49 17.17 -4.09
CA HIS B 61 1.83 16.79 -3.70
C HIS B 61 1.89 16.45 -2.21
N ILE B 62 2.29 15.23 -1.89
CA ILE B 62 2.62 14.78 -0.56
C ILE B 62 3.99 14.14 -0.74
N SER B 63 5.01 14.56 0.01
CA SER B 63 6.36 14.11 -0.33
CA SER B 63 6.38 14.12 -0.26
C SER B 63 6.60 12.65 -0.01
N GLN B 64 6.01 12.16 1.07
CA GLN B 64 6.26 10.80 1.53
C GLN B 64 5.17 10.47 2.55
N ILE B 65 4.87 9.18 2.70
CA ILE B 65 3.75 8.77 3.55
C ILE B 65 3.97 9.23 4.99
N SER B 66 5.23 9.32 5.44
CA SER B 66 5.49 9.68 6.83
C SER B 66 5.02 11.09 7.17
N VAL B 67 4.81 11.96 6.19
CA VAL B 67 4.29 13.30 6.44
C VAL B 67 2.84 13.49 6.00
N ALA B 68 2.15 12.41 5.61
CA ALA B 68 0.74 12.55 5.26
C ALA B 68 -0.05 13.02 6.48
N GLU B 69 -1.06 13.85 6.21
CA GLU B 69 -1.92 14.40 7.26
C GLU B 69 -3.09 13.46 7.54
N ASP B 70 -3.68 13.58 8.73
CA ASP B 70 -4.85 12.76 9.05
C ASP B 70 -5.95 12.93 8.01
N ASP B 71 -6.15 14.15 7.52
CA ASP B 71 -7.24 14.38 6.57
CA ASP B 71 -7.22 14.40 6.56
C ASP B 71 -6.91 13.87 5.17
N ASP B 72 -5.72 13.28 5.00
CA ASP B 72 -5.35 12.64 3.74
C ASP B 72 -5.87 11.18 3.68
N GLU B 73 -6.59 10.72 4.72
CA GLU B 73 -7.02 9.31 4.74
C GLU B 73 -7.79 8.91 3.50
N SER B 74 -8.80 9.68 3.15
CA SER B 74 -9.64 9.31 2.00
CA SER B 74 -9.65 9.37 1.99
CA SER B 74 -9.63 9.32 1.99
C SER B 74 -8.82 9.27 0.71
N LEU B 75 -7.92 10.25 0.54
CA LEU B 75 -7.05 10.27 -0.64
C LEU B 75 -6.17 9.03 -0.71
N LEU B 76 -5.55 8.66 0.40
CA LEU B 76 -4.69 7.49 0.42
C LEU B 76 -5.48 6.23 0.11
N GLY B 77 -6.66 6.10 0.69
CA GLY B 77 -7.53 4.98 0.37
C GLY B 77 -7.92 4.94 -1.10
N HIS B 78 -8.15 6.12 -1.67
CA HIS B 78 -8.47 6.23 -3.06
C HIS B 78 -7.34 5.70 -3.94
N LEU B 79 -6.11 5.94 -3.54
CA LEU B 79 -5.01 5.38 -4.34
C LEU B 79 -5.11 3.86 -4.40
N MET B 80 -5.47 3.24 -3.27
CA MET B 80 -5.60 1.78 -3.21
CA MET B 80 -5.60 1.79 -3.20
C MET B 80 -6.78 1.28 -4.01
N ILE B 81 -7.90 1.97 -3.93
CA ILE B 81 -9.06 1.57 -4.72
C ILE B 81 -8.76 1.71 -6.21
N VAL B 82 -8.15 2.82 -6.62
CA VAL B 82 -7.77 2.98 -8.02
C VAL B 82 -6.77 1.92 -8.42
N GLY B 83 -5.79 1.61 -7.56
CA GLY B 83 -4.85 0.55 -7.88
C GLY B 83 -5.52 -0.78 -8.15
N LYS B 84 -6.46 -1.17 -7.28
CA LYS B 84 -7.12 -2.46 -7.46
C LYS B 84 -8.02 -2.44 -8.72
N LYS B 85 -8.68 -1.34 -9.02
CA LYS B 85 -9.51 -1.25 -10.21
CA LYS B 85 -9.50 -1.23 -10.21
C LYS B 85 -8.64 -1.31 -11.47
N CYS B 86 -7.54 -0.58 -11.48
CA CYS B 86 -6.64 -0.63 -12.63
C CYS B 86 -6.06 -2.03 -12.81
N ALA B 87 -5.72 -2.71 -11.73
CA ALA B 87 -5.19 -4.05 -11.84
C ALA B 87 -6.21 -4.98 -12.48
N ALA B 88 -7.48 -4.86 -12.10
CA ALA B 88 -8.54 -5.66 -12.72
C ALA B 88 -8.66 -5.30 -14.21
N ASP B 89 -8.63 -4.01 -14.54
CA ASP B 89 -8.77 -3.57 -15.93
C ASP B 89 -7.61 -4.08 -16.78
N LEU B 90 -6.44 -4.25 -16.18
CA LEU B 90 -5.25 -4.74 -16.85
C LEU B 90 -5.15 -6.26 -16.81
N GLY B 91 -6.16 -6.96 -16.31
CA GLY B 91 -6.21 -8.41 -16.41
C GLY B 91 -5.33 -9.14 -15.39
N LEU B 92 -5.04 -8.52 -14.25
CA LEU B 92 -4.18 -9.16 -13.23
C LEU B 92 -5.01 -10.06 -12.32
N ASN B 93 -5.69 -11.03 -12.94
CA ASN B 93 -6.67 -11.87 -12.24
C ASN B 93 -6.06 -12.87 -11.26
N LYS B 94 -4.79 -13.16 -11.43
CA LYS B 94 -4.14 -14.11 -10.55
C LYS B 94 -3.50 -13.43 -9.37
N GLY B 95 -3.50 -12.11 -9.33
CA GLY B 95 -3.06 -11.36 -8.17
C GLY B 95 -1.96 -10.37 -8.49
N TYR B 96 -1.53 -9.68 -7.44
CA TYR B 96 -0.59 -8.57 -7.56
C TYR B 96 -0.15 -8.15 -6.17
N ARG B 97 0.86 -7.31 -6.13
CA ARG B 97 1.38 -6.73 -4.90
C ARG B 97 1.37 -5.22 -5.00
N MET B 98 0.85 -4.56 -3.96
CA MET B 98 0.89 -3.11 -3.84
C MET B 98 1.99 -2.73 -2.85
N VAL B 99 2.78 -1.73 -3.20
CA VAL B 99 3.92 -1.32 -2.40
C VAL B 99 3.97 0.19 -2.26
N VAL B 100 4.18 0.67 -1.04
CA VAL B 100 4.50 2.09 -0.80
C VAL B 100 5.86 2.13 -0.15
N ASN B 101 6.82 2.75 -0.82
CA ASN B 101 8.16 2.92 -0.30
C ASN B 101 8.25 4.25 0.43
N GLU B 102 8.83 4.22 1.62
CA GLU B 102 9.05 5.42 2.45
C GLU B 102 10.53 5.58 2.75
N GLY B 103 11.08 6.71 2.33
CA GLY B 103 12.41 7.11 2.71
C GLY B 103 13.50 6.20 2.23
N SER B 104 14.66 6.36 2.84
CA SER B 104 15.87 5.70 2.36
CA SER B 104 15.88 5.71 2.38
C SER B 104 15.80 4.18 2.54
N ASP B 105 15.42 3.72 3.73
CA ASP B 105 15.31 2.28 3.96
C ASP B 105 14.18 1.66 3.14
N GLY B 106 13.16 2.44 2.81
CA GLY B 106 12.09 1.90 2.01
C GLY B 106 12.41 1.87 0.53
N GLY B 107 13.51 2.47 0.09
CA GLY B 107 13.84 2.52 -1.32
C GLY B 107 13.14 3.62 -2.10
N GLN B 108 12.62 4.65 -1.42
CA GLN B 108 12.02 5.77 -2.12
C GLN B 108 13.12 6.69 -2.66
N SER B 109 12.98 7.14 -3.88
CA SER B 109 13.91 8.13 -4.40
C SER B 109 13.22 9.35 -4.98
N VAL B 110 11.95 9.22 -5.45
CA VAL B 110 11.15 10.37 -5.88
C VAL B 110 10.24 10.71 -4.72
N TYR B 111 10.40 11.92 -4.18
CA TYR B 111 9.67 12.33 -3.01
C TYR B 111 8.37 12.99 -3.38
N HIS B 112 7.53 12.11 -3.97
CA HIS B 112 6.09 12.36 -4.23
C HIS B 112 5.49 10.98 -3.98
N VAL B 113 4.56 10.86 -3.02
CA VAL B 113 4.14 9.52 -2.66
CA VAL B 113 4.02 9.54 -2.65
C VAL B 113 3.52 8.79 -3.85
N HIS B 114 3.82 7.50 -3.90
CA HIS B 114 3.37 6.64 -4.99
CA HIS B 114 3.17 6.68 -4.91
C HIS B 114 3.01 5.27 -4.43
N LEU B 115 1.94 4.70 -4.93
CA LEU B 115 1.60 3.30 -4.67
CA LEU B 115 1.62 3.30 -4.66
C LEU B 115 1.96 2.52 -5.93
N ALA B 116 2.86 1.57 -5.82
CA ALA B 116 3.22 0.75 -6.97
C ALA B 116 2.37 -0.52 -6.95
N VAL B 117 1.99 -0.99 -8.12
CA VAL B 117 1.23 -2.23 -8.29
C VAL B 117 2.01 -3.09 -9.27
N LEU B 118 2.38 -4.30 -8.83
CA LEU B 118 3.19 -5.23 -9.60
C LEU B 118 2.44 -6.56 -9.75
N GLY B 119 2.37 -7.08 -10.97
CA GLY B 119 1.81 -8.40 -11.17
C GLY B 119 2.20 -8.99 -12.49
N GLY B 120 1.54 -10.09 -12.84
CA GLY B 120 1.85 -10.84 -14.05
C GLY B 120 2.92 -11.88 -13.89
N ARG B 121 3.41 -12.08 -12.66
CA ARG B 121 4.35 -13.15 -12.32
C ARG B 121 4.10 -13.47 -10.87
N GLN B 122 4.65 -14.60 -10.42
CA GLN B 122 4.68 -14.90 -9.00
C GLN B 122 5.60 -13.93 -8.29
N MET B 123 5.06 -13.25 -7.27
CA MET B 123 5.85 -12.41 -6.38
C MET B 123 6.36 -13.28 -5.23
N HIS B 124 7.55 -12.94 -4.74
N HIS B 124 7.56 -12.96 -4.76
CA HIS B 124 8.24 -13.74 -3.74
CA HIS B 124 8.26 -13.75 -3.75
C HIS B 124 8.25 -13.07 -2.39
C HIS B 124 8.21 -13.09 -2.39
N TRP B 125 8.60 -13.84 -1.36
CA TRP B 125 8.68 -13.33 -0.01
C TRP B 125 10.11 -13.53 0.45
N PRO B 126 10.71 -12.59 1.17
CA PRO B 126 10.17 -11.31 1.61
C PRO B 126 10.02 -10.32 0.46
N PRO B 127 9.30 -9.23 0.69
CA PRO B 127 9.03 -8.24 -0.37
C PRO B 127 10.16 -7.23 -0.48
N GLY B 128 11.37 -7.73 -0.79
CA GLY B 128 12.59 -6.95 -0.68
C GLY B 128 13.22 -7.07 0.69
PA AP5 C . 21.20 7.16 -8.61
O1A AP5 C . 22.39 6.39 -9.15
O2A AP5 C . 20.84 8.27 -9.57
O3A AP5 C . 19.92 6.13 -8.46
PB AP5 C . 19.07 5.52 -9.73
O1B AP5 C . 18.79 4.06 -9.49
O2B AP5 C . 19.88 5.68 -10.99
O3B AP5 C . 17.64 6.33 -9.89
PG AP5 C . 16.83 7.01 -8.62
O1G AP5 C . 16.77 6.03 -7.47
O2G AP5 C . 17.55 8.26 -8.17
O3G AP5 C . 15.29 7.39 -9.09
PD AP5 C . 14.02 6.35 -8.97
O1D AP5 C . 13.02 6.64 -10.07
O2D AP5 C . 14.51 4.93 -9.10
O3D AP5 C . 13.29 6.54 -7.51
PE AP5 C . 11.91 5.75 -7.05
O1E AP5 C . 11.32 6.40 -5.83
O2E AP5 C . 12.24 4.30 -6.75
O5F AP5 C . 21.58 7.79 -7.14
C5F AP5 C . 21.35 7.02 -5.99
C4F AP5 C . 20.68 7.90 -4.90
O4F AP5 C . 21.35 9.01 -4.74
C3F AP5 C . 19.27 8.31 -5.35
O3F AP5 C . 18.42 8.27 -4.29
C2F AP5 C . 19.44 9.75 -5.87
O2F AP5 C . 18.19 10.54 -5.75
C1F AP5 C . 20.38 10.25 -5.12
N9A AP5 C . 21.15 11.30 -5.76
C8A AP5 C . 20.92 11.69 -7.02
N7A AP5 C . 21.78 12.66 -7.32
C5A AP5 C . 22.56 12.88 -6.26
C6A AP5 C . 23.59 13.76 -6.02
N6A AP5 C . 24.14 14.73 -6.95
N1A AP5 C . 24.21 13.76 -4.85
C2A AP5 C . 23.82 12.91 -3.87
N3A AP5 C . 22.80 12.04 -4.10
C4A AP5 C . 22.17 12.03 -5.29
O5J AP5 C . 10.81 5.81 -8.28
C5J AP5 C . 9.54 5.27 -8.07
C4J AP5 C . 9.06 4.55 -9.36
O4J AP5 C . 8.76 5.43 -10.27
C3J AP5 C . 10.20 3.69 -9.94
O3J AP5 C . 9.73 2.44 -10.23
C2J AP5 C . 10.63 4.44 -11.23
O2J AP5 C . 11.14 3.50 -12.27
C1J AP5 C . 9.54 5.03 -11.63
N9B AP5 C . 9.86 6.20 -12.39
C8B AP5 C . 10.80 7.15 -12.31
N7B AP5 C . 10.61 8.01 -13.30
C5B AP5 C . 9.54 7.60 -14.01
C6B AP5 C . 8.90 8.11 -15.12
N6B AP5 C . 9.22 9.30 -15.90
N1B AP5 C . 7.84 7.50 -15.62
C2B AP5 C . 7.38 6.36 -15.05
N3B AP5 C . 8.00 5.86 -13.95
C4B AP5 C . 9.08 6.48 -13.44
C1 ESA D . 14.43 12.12 -8.81
C2 ESA D . 13.50 12.91 -9.70
S ESA D . 12.83 14.36 -8.87
O1 ESA D . 13.91 15.20 -8.38
O2 ESA D . 12.04 13.75 -7.80
O3 ESA D . 11.96 14.99 -9.86
#